data_5HMM
#
_entry.id   5HMM
#
_cell.length_a   46.831
_cell.length_b   58.591
_cell.length_c   59.729
_cell.angle_alpha   66.880
_cell.angle_beta   79.400
_cell.angle_gamma   73.780
#
_symmetry.space_group_name_H-M   'P 1'
#
loop_
_entity.id
_entity.type
_entity.pdbx_description
1 polymer Exodeoxyribonuclease
2 non-polymer 1,2-ETHANEDIOL
3 non-polymer 'MAGNESIUM ION'
4 non-polymer 'CHLORIDE ION'
5 water water
#
_entity_poly.entity_id   1
_entity_poly.type   'polypeptide(L)'
_entity_poly.pdbx_seq_one_letter_code
;RNLMIVDGTNLGFRFKHNNSKKPFASSYVSTIQSLAKSYSARTTIVLGDKGKSVFRLEHLPEYKGNRDEKYAQRTEEEKA
LDEQFFEYLKDAFELCKTTFPTFTIRGVEADDMAAYIVKLIGHLYDHVWLISTDGDWDTLLTDKVSRFSFTTRREYHLRD
MYEHHNVDDVEQFISLKAIMGDLGDNIRGVEGIGAKRGYNIIREFGNVLDIIDQLPLPGKQKYIQNLNASEELLFRNLIL
VDLPTYCVDAIAAVGQDVLDKFTKDILEIAE
;
_entity_poly.pdbx_strand_id   A,B
#
loop_
_chem_comp.id
_chem_comp.type
_chem_comp.name
_chem_comp.formula
CL non-polymer 'CHLORIDE ION' 'Cl -1'
EDO non-polymer 1,2-ETHANEDIOL 'C2 H6 O2'
MG non-polymer 'MAGNESIUM ION' 'Mg 2'
#
# COMPACT_ATOMS: atom_id res chain seq x y z
N ARG A 1 23.41 -4.32 19.80
CA ARG A 1 23.66 -3.83 18.41
C ARG A 1 22.75 -4.39 17.28
N ASN A 2 21.92 -5.36 17.63
CA ASN A 2 20.99 -6.01 16.69
C ASN A 2 19.57 -5.46 16.76
N LEU A 3 18.82 -5.73 15.69
CA LEU A 3 17.34 -5.56 15.63
C LEU A 3 16.68 -6.92 15.80
N MET A 4 15.69 -6.99 16.68
CA MET A 4 14.87 -8.19 16.85
C MET A 4 13.41 -7.85 16.53
N ILE A 5 12.83 -8.60 15.61
CA ILE A 5 11.44 -8.44 15.20
C ILE A 5 10.70 -9.72 15.57
N VAL A 6 9.66 -9.55 16.37
CA VAL A 6 8.88 -10.67 16.92
C VAL A 6 7.55 -10.85 16.16
N ASP A 7 7.35 -12.06 15.64
CA ASP A 7 6.06 -12.50 15.09
C ASP A 7 5.21 -12.84 16.32
N GLY A 8 4.52 -11.82 16.81
CA GLY A 8 3.94 -11.87 18.16
C GLY A 8 2.73 -12.76 18.32
N THR A 9 1.88 -12.82 17.31
CA THR A 9 0.70 -13.72 17.37
C THR A 9 1.22 -15.18 17.30
N ASN A 10 2.20 -15.38 16.44
CA ASN A 10 2.96 -16.65 16.28
C ASN A 10 3.60 -17.12 17.60
N LEU A 11 4.23 -16.19 18.29
CA LEU A 11 4.81 -16.48 19.62
C LEU A 11 3.72 -16.86 20.62
N GLY A 12 2.59 -16.17 20.53
CA GLY A 12 1.39 -16.46 21.34
C GLY A 12 0.98 -17.93 21.36
N PHE A 13 1.11 -18.60 20.21
CA PHE A 13 0.77 -20.06 20.11
C PHE A 13 1.64 -20.99 20.95
N ARG A 14 2.82 -20.54 21.37
CA ARG A 14 3.63 -21.25 22.41
C ARG A 14 2.80 -21.51 23.70
N PHE A 15 2.02 -20.51 24.08
CA PHE A 15 1.13 -20.57 25.27
C PHE A 15 -0.23 -21.22 25.04
N LYS A 16 -0.63 -21.31 23.78
CA LYS A 16 -1.90 -21.99 23.44
C LYS A 16 -1.71 -23.50 23.50
N LYS A 22 -5.78 -19.49 32.11
CA LYS A 22 -4.47 -19.00 32.54
C LYS A 22 -3.99 -17.77 31.78
N PRO A 23 -3.97 -16.60 32.43
CA PRO A 23 -3.28 -15.51 31.76
C PRO A 23 -1.78 -15.79 31.62
N PHE A 24 -1.21 -15.32 30.51
CA PHE A 24 0.23 -15.50 30.21
C PHE A 24 0.98 -14.21 29.87
N ALA A 25 0.36 -13.05 30.11
CA ALA A 25 1.00 -11.76 29.73
C ALA A 25 2.42 -11.60 30.31
N SER A 26 2.58 -11.82 31.60
CA SER A 26 3.91 -11.62 32.22
C SER A 26 4.95 -12.57 31.65
N SER A 27 4.55 -13.82 31.47
CA SER A 27 5.44 -14.84 30.88
C SER A 27 5.86 -14.50 29.45
N TYR A 28 4.89 -14.01 28.70
CA TYR A 28 5.09 -13.61 27.29
C TYR A 28 6.15 -12.51 27.21
N VAL A 29 5.96 -11.48 28.03
CA VAL A 29 6.89 -10.34 28.00
C VAL A 29 8.28 -10.78 28.47
N SER A 30 8.32 -11.63 29.49
CA SER A 30 9.59 -12.16 30.00
C SER A 30 10.37 -12.95 28.92
N THR A 31 9.64 -13.73 28.15
CA THR A 31 10.20 -14.49 27.00
C THR A 31 10.88 -13.56 26.00
N ILE A 32 10.18 -12.49 25.67
CA ILE A 32 10.71 -11.50 24.71
C ILE A 32 11.98 -10.85 25.28
N GLN A 33 11.94 -10.52 26.57
CA GLN A 33 13.12 -9.95 27.24
C GLN A 33 14.33 -10.89 27.20
N SER A 34 14.08 -12.17 27.43
CA SER A 34 15.15 -13.18 27.41
C SER A 34 15.73 -13.27 25.99
N LEU A 35 14.82 -13.34 25.03
CA LEU A 35 15.23 -13.34 23.61
C LEU A 35 16.10 -12.13 23.22
N ALA A 36 15.67 -10.95 23.64
CA ALA A 36 16.38 -9.69 23.35
C ALA A 36 17.81 -9.73 23.90
N LYS A 37 17.95 -10.25 25.12
CA LYS A 37 19.28 -10.51 25.71
C LYS A 37 20.11 -11.52 24.90
N SER A 38 19.52 -12.67 24.62
CA SER A 38 20.17 -13.77 23.82
C SER A 38 20.73 -13.29 22.48
N TYR A 39 19.98 -12.38 21.85
CA TYR A 39 20.27 -11.91 20.50
C TYR A 39 20.82 -10.47 20.47
N SER A 40 21.24 -9.99 21.62
CA SER A 40 21.88 -8.67 21.74
C SER A 40 21.08 -7.56 21.03
N ALA A 41 19.77 -7.59 21.23
CA ALA A 41 18.85 -6.66 20.58
C ALA A 41 18.90 -5.27 21.20
N ARG A 42 19.46 -4.33 20.46
CA ARG A 42 19.39 -2.89 20.78
C ARG A 42 17.95 -2.35 20.66
N THR A 43 17.23 -2.93 19.72
CA THR A 43 15.84 -2.57 19.44
C THR A 43 15.06 -3.85 19.25
N THR A 44 13.91 -3.91 19.89
CA THR A 44 12.96 -5.01 19.76
C THR A 44 11.62 -4.42 19.34
N ILE A 45 11.05 -5.00 18.30
CA ILE A 45 9.74 -4.60 17.79
C ILE A 45 8.85 -5.83 17.77
N VAL A 46 7.70 -5.70 18.42
CA VAL A 46 6.74 -6.81 18.51
C VAL A 46 5.56 -6.51 17.59
N LEU A 47 5.27 -7.48 16.75
CA LEU A 47 4.19 -7.37 15.78
C LEU A 47 3.09 -8.35 16.07
N GLY A 48 1.89 -7.99 15.68
CA GLY A 48 0.77 -8.90 15.81
C GLY A 48 -0.14 -8.85 14.60
N ASP A 49 -0.92 -9.91 14.43
CA ASP A 49 -1.96 -9.98 13.39
C ASP A 49 -3.30 -9.47 13.91
N LYS A 50 -3.88 -8.54 13.18
CA LYS A 50 -5.22 -7.99 13.49
C LYS A 50 -6.06 -8.06 12.21
N GLY A 51 -7.18 -8.77 12.31
CA GLY A 51 -8.09 -8.96 11.17
C GLY A 51 -7.52 -9.96 10.17
N LYS A 52 -7.84 -9.71 8.92
CA LYS A 52 -7.47 -10.57 7.78
C LYS A 52 -6.78 -9.75 6.69
N SER A 53 -5.89 -10.40 5.97
CA SER A 53 -5.08 -9.73 4.94
C SER A 53 -5.94 -9.18 3.81
N VAL A 54 -6.15 -7.89 3.84
CA VAL A 54 -6.93 -7.21 2.78
C VAL A 54 -6.23 -7.38 1.41
N PHE A 55 -4.92 -7.17 1.41
CA PHE A 55 -4.13 -7.26 0.19
C PHE A 55 -4.30 -8.61 -0.46
N ARG A 56 -4.10 -9.67 0.32
CA ARG A 56 -4.15 -11.03 -0.25
C ARG A 56 -5.58 -11.49 -0.60
N LEU A 57 -6.55 -11.11 0.23
CA LEU A 57 -7.98 -11.44 -0.05
C LEU A 57 -8.51 -10.73 -1.30
N GLU A 58 -8.00 -9.53 -1.56
CA GLU A 58 -8.33 -8.83 -2.82
C GLU A 58 -7.84 -9.60 -4.07
N HIS A 59 -6.69 -10.23 -3.95
CA HIS A 59 -6.10 -11.05 -5.06
C HIS A 59 -6.64 -12.48 -5.14
N LEU A 60 -6.97 -13.03 -3.98
CA LEU A 60 -7.47 -14.40 -3.85
C LEU A 60 -8.53 -14.43 -2.75
N PRO A 61 -9.82 -14.32 -3.12
CA PRO A 61 -10.88 -14.35 -2.10
C PRO A 61 -10.88 -15.60 -1.20
N GLU A 62 -10.32 -16.68 -1.72
CA GLU A 62 -10.25 -17.97 -1.03
C GLU A 62 -9.02 -18.12 -0.11
N TYR A 63 -8.24 -17.06 -0.01
CA TYR A 63 -7.00 -17.07 0.83
C TYR A 63 -7.34 -17.46 2.28
N LYS A 64 -6.63 -18.47 2.78
CA LYS A 64 -6.85 -19.03 4.13
C LYS A 64 -8.31 -19.48 4.37
N GLY A 65 -8.99 -19.84 3.28
CA GLY A 65 -10.41 -20.26 3.36
C GLY A 65 -10.59 -21.55 4.14
N ASN A 66 -9.58 -22.41 4.05
CA ASN A 66 -9.50 -23.66 4.84
C ASN A 66 -9.50 -23.39 6.36
N ARG A 67 -8.74 -22.38 6.76
CA ARG A 67 -8.64 -21.96 8.17
C ARG A 67 -9.95 -21.35 8.63
N ASP A 68 -10.57 -20.56 7.77
CA ASP A 68 -11.87 -19.96 8.07
C ASP A 68 -12.95 -21.03 8.24
N GLU A 69 -12.91 -22.03 7.37
CA GLU A 69 -13.85 -23.17 7.46
C GLU A 69 -13.71 -23.94 8.79
N LYS A 70 -12.46 -24.21 9.18
CA LYS A 70 -12.16 -24.87 10.45
C LYS A 70 -12.70 -24.04 11.64
N TYR A 71 -12.48 -22.74 11.60
CA TYR A 71 -12.99 -21.81 12.66
C TYR A 71 -14.52 -21.83 12.71
N ALA A 72 -15.15 -21.85 11.54
CA ALA A 72 -16.62 -21.87 11.43
C ALA A 72 -17.27 -23.15 11.96
N GLN A 73 -16.52 -24.25 11.91
CA GLN A 73 -17.00 -25.56 12.40
C GLN A 73 -16.66 -25.86 13.87
N ARG A 74 -16.08 -24.88 14.54
CA ARG A 74 -15.93 -24.96 16.01
C ARG A 74 -17.33 -24.93 16.65
N THR A 75 -17.46 -25.69 17.74
CA THR A 75 -18.61 -25.56 18.65
C THR A 75 -18.59 -24.18 19.33
N GLU A 76 -19.75 -23.71 19.78
CA GLU A 76 -19.86 -22.47 20.60
C GLU A 76 -18.86 -22.43 21.80
N GLU A 77 -18.67 -23.58 22.40
CA GLU A 77 -17.77 -23.75 23.57
C GLU A 77 -16.28 -23.76 23.17
N GLU A 78 -16.00 -24.37 22.03
CA GLU A 78 -14.64 -24.30 21.43
C GLU A 78 -14.29 -22.86 21.06
N LYS A 79 -15.28 -22.18 20.50
CA LYS A 79 -15.12 -20.77 20.10
C LYS A 79 -14.86 -19.85 21.30
N ALA A 80 -15.66 -20.03 22.34
CA ALA A 80 -15.52 -19.23 23.60
C ALA A 80 -14.09 -19.33 24.18
N LEU A 81 -13.53 -20.54 24.14
CA LEU A 81 -12.14 -20.84 24.62
C LEU A 81 -11.07 -20.11 23.79
N ASP A 82 -11.23 -20.14 22.48
CA ASP A 82 -10.34 -19.40 21.56
C ASP A 82 -10.39 -17.91 21.82
N GLU A 83 -11.61 -17.40 22.03
CA GLU A 83 -11.82 -15.97 22.36
C GLU A 83 -11.11 -15.58 23.66
N GLN A 84 -11.04 -16.53 24.58
CA GLN A 84 -10.35 -16.31 25.84
C GLN A 84 -8.85 -16.20 25.58
N PHE A 85 -8.37 -17.11 24.76
CA PHE A 85 -6.96 -17.08 24.38
C PHE A 85 -6.67 -15.74 23.74
N PHE A 86 -7.53 -15.31 22.82
CA PHE A 86 -7.30 -14.02 22.13
C PHE A 86 -7.38 -12.80 23.08
N GLU A 87 -8.21 -12.92 24.10
CA GLU A 87 -8.30 -11.90 25.17
C GLU A 87 -6.99 -11.83 25.98
N TYR A 88 -6.48 -12.99 26.36
CA TYR A 88 -5.17 -13.11 27.06
C TYR A 88 -4.03 -12.62 26.17
N LEU A 89 -4.12 -12.93 24.89
CA LEU A 89 -3.12 -12.45 23.92
C LEU A 89 -3.18 -10.92 23.79
N LYS A 90 -4.40 -10.38 23.74
CA LYS A 90 -4.61 -8.90 23.75
C LYS A 90 -3.95 -8.25 24.99
N ASP A 91 -4.13 -8.90 26.13
CA ASP A 91 -3.55 -8.45 27.42
C ASP A 91 -2.02 -8.56 27.36
N ALA A 92 -1.53 -9.64 26.77
CA ALA A 92 -0.08 -9.79 26.55
C ALA A 92 0.50 -8.66 25.68
N PHE A 93 -0.19 -8.33 24.60
CA PHE A 93 0.23 -7.22 23.75
C PHE A 93 0.16 -5.85 24.46
N GLU A 94 -0.86 -5.67 25.28
CA GLU A 94 -1.02 -4.44 26.11
C GLU A 94 0.19 -4.24 27.03
N LEU A 95 0.54 -5.31 27.73
CA LEU A 95 1.68 -5.32 28.64
C LEU A 95 2.99 -5.13 27.86
N CYS A 96 3.11 -5.86 26.78
N CYS A 96 3.13 -5.87 26.77
CA CYS A 96 4.26 -5.76 25.90
CA CYS A 96 4.25 -5.72 25.82
C CYS A 96 4.51 -4.32 25.40
C CYS A 96 4.51 -4.27 25.45
N LYS A 97 3.43 -3.61 25.06
CA LYS A 97 3.44 -2.20 24.61
C LYS A 97 4.00 -1.19 25.64
N THR A 98 3.90 -1.52 26.93
CA THR A 98 4.53 -0.70 27.99
C THR A 98 6.07 -0.78 28.03
N THR A 99 6.61 -1.82 27.40
CA THR A 99 8.03 -2.22 27.47
C THR A 99 8.77 -2.08 26.11
N PHE A 100 8.08 -2.49 25.05
CA PHE A 100 8.62 -2.54 23.68
C PHE A 100 7.67 -1.88 22.70
N PRO A 101 8.21 -1.32 21.60
CA PRO A 101 7.34 -0.93 20.51
C PRO A 101 6.60 -2.15 19.98
N THR A 102 5.28 -1.98 19.88
CA THR A 102 4.34 -3.07 19.63
C THR A 102 3.30 -2.55 18.64
N PHE A 103 3.15 -3.26 17.53
CA PHE A 103 2.26 -2.81 16.43
C PHE A 103 1.34 -3.89 15.95
N THR A 104 0.08 -3.49 15.78
CA THR A 104 -0.89 -4.25 15.00
C THR A 104 -1.57 -3.26 14.08
N ILE A 105 -1.96 -3.72 12.90
CA ILE A 105 -2.68 -2.88 11.93
C ILE A 105 -3.79 -3.70 11.32
N ARG A 106 -5.03 -3.31 11.59
CA ARG A 106 -6.19 -4.04 11.09
C ARG A 106 -6.08 -4.20 9.56
N GLY A 107 -6.17 -5.46 9.14
CA GLY A 107 -6.15 -5.83 7.71
C GLY A 107 -4.79 -6.07 7.09
N VAL A 108 -3.77 -6.02 7.92
CA VAL A 108 -2.38 -6.19 7.49
C VAL A 108 -1.75 -7.32 8.29
N GLU A 109 -1.14 -8.25 7.58
CA GLU A 109 -0.42 -9.36 8.22
C GLU A 109 0.87 -8.87 8.83
N ALA A 110 1.22 -9.47 9.96
CA ALA A 110 2.49 -9.18 10.60
C ALA A 110 3.67 -9.43 9.64
N ASP A 111 3.53 -10.45 8.79
CA ASP A 111 4.56 -10.78 7.81
C ASP A 111 4.98 -9.55 7.00
N ASP A 112 3.97 -8.82 6.56
CA ASP A 112 4.19 -7.62 5.72
C ASP A 112 4.85 -6.48 6.49
N MET A 113 4.40 -6.28 7.72
CA MET A 113 5.03 -5.31 8.62
C MET A 113 6.51 -5.63 8.86
N ALA A 114 6.81 -6.91 9.06
CA ALA A 114 8.20 -7.33 9.34
C ALA A 114 9.08 -7.07 8.13
N ALA A 115 8.60 -7.48 6.97
CA ALA A 115 9.34 -7.30 5.70
C ALA A 115 9.67 -5.82 5.50
N TYR A 116 8.67 -4.99 5.73
CA TYR A 116 8.86 -3.53 5.58
C TYR A 116 9.89 -2.93 6.57
N ILE A 117 9.79 -3.33 7.82
CA ILE A 117 10.76 -2.90 8.85
C ILE A 117 12.21 -3.25 8.44
N VAL A 118 12.42 -4.48 7.99
CA VAL A 118 13.76 -4.92 7.57
C VAL A 118 14.30 -4.02 6.46
N LYS A 119 13.47 -3.76 5.47
CA LYS A 119 13.83 -2.87 4.34
C LYS A 119 14.10 -1.43 4.80
N LEU A 120 13.31 -0.98 5.75
CA LEU A 120 13.32 0.43 6.15
C LEU A 120 14.51 0.78 7.07
N ILE A 121 14.78 -0.09 8.04
CA ILE A 121 15.80 0.20 9.09
C ILE A 121 16.86 -0.87 9.33
N GLY A 122 16.80 -1.97 8.58
CA GLY A 122 17.76 -3.07 8.80
C GLY A 122 19.22 -2.67 8.69
N HIS A 123 19.47 -1.68 7.83
CA HIS A 123 20.84 -1.11 7.62
C HIS A 123 21.48 -0.46 8.85
N LEU A 124 20.67 -0.09 9.83
CA LEU A 124 21.16 0.57 11.09
C LEU A 124 21.64 -0.39 12.18
N TYR A 125 21.50 -1.68 11.91
CA TYR A 125 21.83 -2.75 12.87
C TYR A 125 22.87 -3.70 12.30
N ASP A 126 23.61 -4.33 13.20
CA ASP A 126 24.62 -5.36 12.81
C ASP A 126 23.99 -6.60 12.18
N HIS A 127 22.98 -7.11 12.86
CA HIS A 127 22.21 -8.30 12.46
C HIS A 127 20.74 -8.07 12.80
N VAL A 128 19.88 -8.68 12.02
CA VAL A 128 18.44 -8.69 12.29
C VAL A 128 18.01 -10.12 12.61
N TRP A 129 17.36 -10.25 13.77
CA TRP A 129 16.82 -11.52 14.21
C TRP A 129 15.29 -11.51 14.18
N LEU A 130 14.76 -12.39 13.36
CA LEU A 130 13.33 -12.62 13.24
C LEU A 130 12.91 -13.76 14.14
N ILE A 131 11.95 -13.49 15.00
CA ILE A 131 11.46 -14.49 15.94
C ILE A 131 10.12 -15.01 15.44
N SER A 132 10.18 -16.14 14.76
CA SER A 132 9.01 -16.74 14.13
C SER A 132 9.23 -18.20 13.82
N THR A 133 8.17 -18.96 14.01
CA THR A 133 8.12 -20.39 13.58
C THR A 133 7.68 -20.55 12.12
N ASP A 134 7.32 -19.44 11.48
CA ASP A 134 6.82 -19.42 10.11
C ASP A 134 7.98 -19.47 9.09
N GLY A 135 8.13 -20.60 8.41
CA GLY A 135 9.08 -20.72 7.27
C GLY A 135 8.95 -19.65 6.19
N ASP A 136 7.73 -19.14 5.98
CA ASP A 136 7.43 -17.98 5.06
C ASP A 136 8.38 -16.82 5.27
N TRP A 137 8.70 -16.57 6.53
CA TRP A 137 9.60 -15.44 6.91
C TRP A 137 11.03 -15.60 6.38
N ASP A 138 11.39 -16.80 5.94
CA ASP A 138 12.71 -17.02 5.31
C ASP A 138 12.87 -16.36 3.93
N THR A 139 11.77 -15.86 3.38
CA THR A 139 11.85 -14.95 2.21
C THR A 139 12.59 -13.63 2.53
N LEU A 140 12.83 -13.39 3.82
CA LEU A 140 13.57 -12.20 4.30
C LEU A 140 15.04 -12.40 4.62
N LEU A 141 15.51 -13.63 4.57
CA LEU A 141 16.91 -13.95 4.95
C LEU A 141 17.94 -13.30 4.02
N THR A 142 19.02 -12.83 4.63
CA THR A 142 20.18 -12.25 3.92
C THR A 142 21.41 -12.64 4.73
N ASP A 143 22.59 -12.18 4.31
CA ASP A 143 23.81 -12.35 5.14
C ASP A 143 23.72 -11.69 6.52
N LYS A 144 22.78 -10.76 6.69
CA LYS A 144 22.59 -10.11 7.99
C LYS A 144 21.18 -10.19 8.61
N VAL A 145 20.35 -11.06 8.07
CA VAL A 145 19.00 -11.33 8.59
C VAL A 145 18.80 -12.83 8.77
N SER A 146 18.46 -13.24 9.98
CA SER A 146 18.30 -14.67 10.33
C SER A 146 17.00 -14.84 11.11
N ARG A 147 16.55 -16.07 11.21
CA ARG A 147 15.32 -16.40 11.95
C ARG A 147 15.58 -17.41 13.07
N PHE A 148 14.89 -17.24 14.19
CA PHE A 148 14.83 -18.25 15.26
C PHE A 148 13.40 -18.78 15.47
N SER A 149 13.27 -20.11 15.49
CA SER A 149 11.98 -20.82 15.68
C SER A 149 11.95 -21.49 17.02
N PHE A 150 10.94 -21.19 17.84
CA PHE A 150 10.79 -21.88 19.16
C PHE A 150 10.36 -23.35 19.03
N THR A 151 9.64 -23.70 17.97
CA THR A 151 9.16 -25.09 17.78
C THR A 151 10.26 -26.06 17.33
N THR A 152 11.09 -25.63 16.39
CA THR A 152 12.23 -26.46 15.89
C THR A 152 13.56 -26.22 16.61
N ARG A 153 13.66 -25.08 17.28
CA ARG A 153 14.89 -24.62 17.99
C ARG A 153 16.04 -24.21 17.07
N ARG A 154 15.78 -24.13 15.77
CA ARG A 154 16.84 -23.85 14.80
C ARG A 154 16.99 -22.34 14.60
N GLU A 155 18.22 -21.96 14.29
CA GLU A 155 18.50 -20.64 13.76
C GLU A 155 18.68 -20.79 12.26
N TYR A 156 17.87 -20.04 11.52
CA TYR A 156 17.79 -20.16 10.05
C TYR A 156 18.60 -19.04 9.40
N HIS A 157 19.60 -19.47 8.65
CA HIS A 157 20.50 -18.58 7.93
C HIS A 157 20.45 -18.79 6.42
N LEU A 158 20.68 -17.71 5.68
CA LEU A 158 20.71 -17.76 4.21
C LEU A 158 21.67 -18.84 3.65
N ARG A 159 22.86 -18.93 4.24
CA ARG A 159 23.86 -19.94 3.82
C ARG A 159 23.40 -21.41 3.88
N ASP A 160 22.35 -21.65 4.68
CA ASP A 160 21.74 -22.99 4.90
C ASP A 160 20.38 -23.19 4.22
N MET A 161 20.07 -22.37 3.24
N MET A 161 20.09 -22.36 3.24
CA MET A 161 18.74 -22.35 2.61
CA MET A 161 18.79 -22.34 2.56
C MET A 161 18.37 -23.70 1.96
C MET A 161 18.40 -23.72 2.04
N TYR A 162 19.34 -24.40 1.39
CA TYR A 162 19.05 -25.72 0.80
C TYR A 162 18.63 -26.77 1.83
N GLU A 163 19.37 -26.81 2.94
CA GLU A 163 19.03 -27.68 4.08
C GLU A 163 17.58 -27.49 4.49
N HIS A 164 17.16 -26.22 4.56
CA HIS A 164 15.85 -25.87 5.11
C HIS A 164 14.69 -25.90 4.13
N HIS A 165 14.98 -25.50 2.90
CA HIS A 165 13.94 -25.21 1.89
C HIS A 165 14.16 -25.79 0.49
N ASN A 166 15.24 -26.56 0.33
CA ASN A 166 15.51 -27.29 -0.93
C ASN A 166 15.76 -26.36 -2.14
N VAL A 167 16.21 -25.16 -1.82
CA VAL A 167 16.67 -24.16 -2.82
C VAL A 167 17.90 -23.46 -2.29
N ASP A 168 18.61 -22.76 -3.15
CA ASP A 168 19.90 -22.15 -2.72
C ASP A 168 19.82 -20.69 -2.29
N ASP A 169 18.77 -19.98 -2.67
CA ASP A 169 18.65 -18.55 -2.33
C ASP A 169 17.18 -18.10 -2.19
N VAL A 170 16.98 -16.87 -1.73
CA VAL A 170 15.63 -16.27 -1.52
C VAL A 170 14.81 -16.16 -2.81
N GLU A 171 15.45 -15.71 -3.87
CA GLU A 171 14.76 -15.57 -5.18
C GLU A 171 14.13 -16.92 -5.59
N GLN A 172 14.92 -17.97 -5.46
CA GLN A 172 14.45 -19.33 -5.79
C GLN A 172 13.35 -19.79 -4.83
N PHE A 173 13.50 -19.44 -3.56
CA PHE A 173 12.50 -19.81 -2.52
C PHE A 173 11.14 -19.22 -2.87
N ILE A 174 11.17 -17.94 -3.21
CA ILE A 174 9.95 -17.21 -3.57
C ILE A 174 9.30 -17.82 -4.81
N SER A 175 10.10 -18.10 -5.82
CA SER A 175 9.61 -18.72 -7.06
C SER A 175 9.04 -20.13 -6.82
N LEU A 176 9.70 -20.90 -5.97
CA LEU A 176 9.26 -22.26 -5.65
C LEU A 176 7.89 -22.22 -4.96
N LYS A 177 7.75 -21.31 -4.02
CA LYS A 177 6.45 -21.11 -3.33
C LYS A 177 5.35 -20.74 -4.30
N ALA A 178 5.70 -19.91 -5.27
CA ALA A 178 4.75 -19.49 -6.30
C ALA A 178 4.30 -20.67 -7.16
N ILE A 179 5.23 -21.53 -7.51
CA ILE A 179 4.95 -22.71 -8.33
C ILE A 179 4.12 -23.73 -7.52
N MET A 180 4.56 -23.98 -6.30
CA MET A 180 4.00 -25.04 -5.42
C MET A 180 2.75 -24.66 -4.65
N GLY A 181 2.53 -23.37 -4.52
CA GLY A 181 1.44 -22.86 -3.67
C GLY A 181 1.66 -23.18 -2.20
N ASP A 182 0.59 -23.20 -1.44
CA ASP A 182 0.65 -23.35 0.01
C ASP A 182 -0.67 -23.94 0.46
N LEU A 183 -0.61 -25.21 0.81
CA LEU A 183 -1.80 -25.97 1.21
C LEU A 183 -2.45 -25.34 2.45
N GLY A 184 -1.59 -24.96 3.38
CA GLY A 184 -1.99 -24.34 4.68
C GLY A 184 -2.79 -23.06 4.54
N ASP A 185 -2.47 -22.31 3.51
CA ASP A 185 -3.12 -21.01 3.25
C ASP A 185 -4.05 -21.00 2.05
N ASN A 186 -4.36 -22.19 1.56
CA ASN A 186 -5.35 -22.38 0.49
C ASN A 186 -4.93 -21.76 -0.86
N ILE A 187 -3.63 -21.80 -1.12
CA ILE A 187 -3.08 -21.32 -2.38
C ILE A 187 -2.71 -22.54 -3.22
N ARG A 188 -3.40 -22.66 -4.36
CA ARG A 188 -3.21 -23.81 -5.28
C ARG A 188 -1.85 -23.71 -5.95
N GLY A 189 -1.24 -24.87 -6.15
CA GLY A 189 0.01 -24.97 -6.89
C GLY A 189 -0.19 -25.71 -8.19
N VAL A 190 0.88 -25.77 -8.97
CA VAL A 190 0.90 -26.50 -10.24
C VAL A 190 1.00 -28.01 -9.96
N GLU A 191 0.06 -28.77 -10.53
CA GLU A 191 0.01 -30.23 -10.32
C GLU A 191 1.27 -30.95 -10.84
N GLY A 192 1.77 -31.86 -10.01
CA GLY A 192 2.96 -32.68 -10.32
C GLY A 192 4.32 -32.08 -10.04
N ILE A 193 4.36 -30.88 -9.45
CA ILE A 193 5.65 -30.21 -9.18
C ILE A 193 5.95 -30.18 -7.68
N GLY A 194 6.88 -31.02 -7.27
CA GLY A 194 7.42 -31.00 -5.91
C GLY A 194 8.67 -30.14 -5.84
N ALA A 195 9.30 -30.13 -4.67
CA ALA A 195 10.44 -29.23 -4.44
C ALA A 195 11.60 -29.50 -5.39
N LYS A 196 11.86 -30.78 -5.65
CA LYS A 196 12.96 -31.19 -6.57
C LYS A 196 12.73 -30.66 -7.99
N ARG A 197 11.60 -31.05 -8.59
CA ARG A 197 11.28 -30.61 -9.96
C ARG A 197 11.22 -29.09 -10.01
N GLY A 198 10.62 -28.47 -8.99
CA GLY A 198 10.52 -26.99 -8.97
C GLY A 198 11.86 -26.28 -9.00
N TYR A 199 12.75 -26.72 -8.12
CA TYR A 199 14.13 -26.21 -8.07
C TYR A 199 14.82 -26.40 -9.43
N ASN A 200 14.63 -27.58 -10.01
CA ASN A 200 15.22 -27.92 -11.33
C ASN A 200 14.69 -26.99 -12.42
N ILE A 201 13.39 -26.75 -12.41
CA ILE A 201 12.76 -25.84 -13.37
C ILE A 201 13.33 -24.41 -13.25
N ILE A 202 13.40 -23.92 -12.02
CA ILE A 202 13.97 -22.60 -11.71
C ILE A 202 15.43 -22.48 -12.17
N ARG A 203 16.22 -23.48 -11.86
CA ARG A 203 17.64 -23.47 -12.29
C ARG A 203 17.81 -23.49 -13.82
N GLU A 204 16.85 -24.11 -14.52
CA GLU A 204 16.89 -24.16 -15.99
C GLU A 204 16.43 -22.84 -16.61
N PHE A 205 15.26 -22.38 -16.19
CA PHE A 205 14.54 -21.29 -16.91
C PHE A 205 14.59 -19.91 -16.27
N GLY A 206 14.98 -19.87 -15.01
CA GLY A 206 14.99 -18.64 -14.20
C GLY A 206 13.85 -18.55 -13.19
N ASN A 207 13.67 -17.36 -12.64
CA ASN A 207 12.56 -17.11 -11.69
C ASN A 207 11.20 -17.16 -12.37
N VAL A 208 10.14 -17.10 -11.57
CA VAL A 208 8.76 -17.26 -12.09
C VAL A 208 8.39 -16.26 -13.18
N LEU A 209 8.83 -15.01 -13.04
CA LEU A 209 8.54 -14.01 -14.09
C LEU A 209 9.21 -14.41 -15.41
N ASP A 210 10.46 -14.85 -15.31
CA ASP A 210 11.19 -15.34 -16.49
C ASP A 210 10.55 -16.61 -17.09
N ILE A 211 10.09 -17.50 -16.21
CA ILE A 211 9.33 -18.68 -16.65
C ILE A 211 8.09 -18.29 -17.44
N ILE A 212 7.33 -17.38 -16.88
CA ILE A 212 6.09 -16.87 -17.52
C ILE A 212 6.37 -16.34 -18.95
N ASP A 213 7.45 -15.57 -19.06
CA ASP A 213 7.89 -15.01 -20.35
C ASP A 213 8.25 -16.06 -21.43
N GLN A 214 8.64 -17.24 -20.98
CA GLN A 214 9.02 -18.35 -21.87
C GLN A 214 7.96 -19.41 -22.14
N LEU A 215 6.80 -19.29 -21.53
CA LEU A 215 5.70 -20.22 -21.80
C LEU A 215 5.26 -20.16 -23.26
N PRO A 216 4.99 -21.31 -23.88
CA PRO A 216 5.12 -22.61 -23.24
C PRO A 216 6.56 -23.15 -23.32
N LEU A 217 6.97 -23.82 -22.27
CA LEU A 217 8.31 -24.38 -22.18
C LEU A 217 8.36 -25.71 -22.91
N PRO A 218 9.54 -26.07 -23.46
CA PRO A 218 9.73 -27.33 -24.15
C PRO A 218 9.69 -28.46 -23.13
N GLY A 219 9.21 -29.61 -23.55
CA GLY A 219 9.14 -30.76 -22.65
C GLY A 219 7.80 -31.44 -22.73
N LYS A 220 7.85 -32.75 -22.76
CA LYS A 220 6.65 -33.56 -22.93
C LYS A 220 6.04 -34.06 -21.63
N GLN A 221 6.76 -33.91 -20.52
N GLN A 221 6.74 -33.82 -20.52
CA GLN A 221 6.26 -34.42 -19.22
CA GLN A 221 6.28 -34.25 -19.20
C GLN A 221 4.99 -33.65 -18.82
C GLN A 221 4.95 -33.61 -18.85
N LYS A 222 4.09 -34.36 -18.18
CA LYS A 222 2.78 -33.80 -17.77
C LYS A 222 2.91 -32.54 -16.90
N TYR A 223 3.90 -32.52 -16.01
CA TYR A 223 4.08 -31.34 -15.12
C TYR A 223 4.47 -30.05 -15.91
N ILE A 224 5.20 -30.23 -17.00
CA ILE A 224 5.52 -29.13 -17.92
C ILE A 224 4.26 -28.62 -18.65
N GLN A 225 3.44 -29.55 -19.12
CA GLN A 225 2.13 -29.17 -19.75
C GLN A 225 1.30 -28.37 -18.76
N ASN A 226 1.25 -28.87 -17.52
CA ASN A 226 0.57 -28.17 -16.40
C ASN A 226 1.11 -26.76 -16.20
N LEU A 227 2.42 -26.66 -16.09
CA LEU A 227 3.07 -25.35 -15.91
C LEU A 227 2.75 -24.38 -17.07
N ASN A 228 2.77 -24.92 -18.28
CA ASN A 228 2.46 -24.11 -19.50
C ASN A 228 1.05 -23.52 -19.52
N ALA A 229 0.14 -24.19 -18.84
CA ALA A 229 -1.26 -23.74 -18.71
C ALA A 229 -1.49 -22.78 -17.55
N SER A 230 -0.44 -22.51 -16.78
CA SER A 230 -0.58 -21.87 -15.44
C SER A 230 -0.12 -20.42 -15.33
N GLU A 231 0.00 -19.70 -16.44
CA GLU A 231 0.44 -18.25 -16.43
C GLU A 231 -0.26 -17.43 -15.33
N GLU A 232 -1.58 -17.53 -15.29
CA GLU A 232 -2.42 -16.73 -14.37
C GLU A 232 -2.13 -17.08 -12.91
N LEU A 233 -2.18 -18.37 -12.63
CA LEU A 233 -1.88 -18.89 -11.30
C LEU A 233 -0.49 -18.46 -10.80
N LEU A 234 0.52 -18.60 -11.67
CA LEU A 234 1.92 -18.24 -11.28
C LEU A 234 2.06 -16.75 -10.95
N PHE A 235 1.49 -15.92 -11.81
CA PHE A 235 1.57 -14.47 -11.59
C PHE A 235 0.87 -14.07 -10.30
N ARG A 236 -0.34 -14.58 -10.09
CA ARG A 236 -1.12 -14.29 -8.87
C ARG A 236 -0.36 -14.79 -7.64
N ASN A 237 0.10 -16.02 -7.72
CA ASN A 237 0.83 -16.62 -6.57
C ASN A 237 2.08 -15.84 -6.17
N LEU A 238 2.80 -15.31 -7.17
CA LEU A 238 4.01 -14.54 -6.88
C LEU A 238 3.65 -13.30 -6.05
N ILE A 239 2.55 -12.67 -6.39
CA ILE A 239 2.02 -11.52 -5.63
C ILE A 239 1.72 -11.94 -4.19
N LEU A 240 1.13 -13.11 -4.04
CA LEU A 240 0.70 -13.64 -2.71
C LEU A 240 1.87 -14.04 -1.81
N VAL A 241 2.97 -14.47 -2.42
CA VAL A 241 4.14 -15.06 -1.67
C VAL A 241 5.43 -14.24 -1.66
N ASP A 242 5.56 -13.27 -2.55
CA ASP A 242 6.79 -12.48 -2.67
C ASP A 242 6.71 -11.36 -1.65
N LEU A 243 6.97 -11.75 -0.42
N LEU A 243 6.94 -11.72 -0.39
CA LEU A 243 6.82 -10.89 0.73
CA LEU A 243 6.81 -10.77 0.75
C LEU A 243 7.65 -9.58 0.63
C LEU A 243 7.64 -9.51 0.55
N PRO A 244 8.95 -9.66 0.26
CA PRO A 244 9.74 -8.44 0.15
C PRO A 244 9.28 -7.48 -0.94
N THR A 245 8.86 -8.00 -2.08
CA THR A 245 8.40 -7.14 -3.19
C THR A 245 7.11 -6.40 -2.87
N TYR A 246 6.18 -7.10 -2.23
CA TYR A 246 4.81 -6.56 -2.06
C TYR A 246 4.44 -6.04 -0.68
N CYS A 247 5.41 -6.04 0.24
CA CYS A 247 5.07 -5.66 1.64
C CYS A 247 4.52 -4.23 1.75
N VAL A 248 5.08 -3.30 1.00
CA VAL A 248 4.62 -1.89 1.04
C VAL A 248 3.17 -1.78 0.52
N ASP A 249 2.92 -2.43 -0.62
CA ASP A 249 1.58 -2.49 -1.24
C ASP A 249 0.56 -3.13 -0.30
N ALA A 250 1.00 -4.15 0.42
CA ALA A 250 0.12 -4.87 1.38
C ALA A 250 -0.33 -3.97 2.53
N ILE A 251 0.59 -3.15 3.01
CA ILE A 251 0.26 -2.16 4.06
C ILE A 251 -0.63 -1.02 3.51
N ALA A 252 -0.22 -0.49 2.37
CA ALA A 252 -0.95 0.60 1.68
C ALA A 252 -2.38 0.20 1.25
N ALA A 253 -2.62 -1.10 1.12
CA ALA A 253 -3.96 -1.66 0.78
C ALA A 253 -5.08 -1.17 1.72
N VAL A 254 -4.74 -0.94 2.98
CA VAL A 254 -5.69 -0.46 4.02
C VAL A 254 -5.71 1.06 4.17
N GLY A 255 -4.91 1.71 3.34
CA GLY A 255 -4.86 3.18 3.28
C GLY A 255 -3.44 3.70 3.27
N GLN A 256 -3.15 4.63 2.36
CA GLN A 256 -1.80 5.22 2.29
C GLN A 256 -1.41 5.91 3.61
N ASP A 257 -2.41 6.53 4.22
CA ASP A 257 -2.23 7.22 5.52
C ASP A 257 -1.79 6.27 6.63
N VAL A 258 -2.33 5.05 6.58
CA VAL A 258 -1.96 3.98 7.52
C VAL A 258 -0.49 3.59 7.33
N LEU A 259 -0.10 3.39 6.08
CA LEU A 259 1.31 3.15 5.75
C LEU A 259 2.19 4.32 6.21
N ASP A 260 1.74 5.55 5.98
CA ASP A 260 2.55 6.72 6.35
C ASP A 260 2.77 6.80 7.87
N LYS A 261 1.72 6.52 8.62
CA LYS A 261 1.80 6.49 10.08
C LYS A 261 2.80 5.41 10.56
N PHE A 262 2.72 4.23 9.96
CA PHE A 262 3.62 3.11 10.31
C PHE A 262 5.08 3.48 10.01
N THR A 263 5.32 4.06 8.84
CA THR A 263 6.67 4.54 8.48
C THR A 263 7.23 5.50 9.53
N LYS A 264 6.44 6.53 9.83
CA LYS A 264 6.77 7.52 10.86
C LYS A 264 7.10 6.81 12.20
N ASP A 265 6.20 5.94 12.64
CA ASP A 265 6.38 5.15 13.90
C ASP A 265 7.69 4.36 13.94
N ILE A 266 7.99 3.68 12.84
CA ILE A 266 9.22 2.87 12.76
C ILE A 266 10.50 3.73 12.76
N LEU A 267 10.47 4.81 11.99
CA LEU A 267 11.64 5.71 11.91
C LEU A 267 11.93 6.38 13.25
N GLU A 268 10.88 6.66 14.00
CA GLU A 268 11.02 7.18 15.37
C GLU A 268 11.77 6.19 16.29
N ILE A 269 11.38 4.93 16.20
CA ILE A 269 12.05 3.83 16.98
C ILE A 269 13.54 3.71 16.70
N ALA A 270 13.87 3.75 15.42
CA ALA A 270 15.26 3.77 14.98
C ALA A 270 15.86 5.12 15.37
N GLU A 271 17.19 5.19 15.48
CA GLU A 271 17.87 6.43 15.91
C GLU A 271 17.59 6.77 17.36
N ARG B 1 8.14 34.37 -7.51
CA ARG B 1 6.75 34.84 -7.21
C ARG B 1 5.70 33.76 -7.64
N ASN B 2 5.44 32.87 -6.70
CA ASN B 2 4.77 31.59 -7.02
C ASN B 2 3.34 31.48 -6.50
N LEU B 3 2.63 30.51 -7.03
CA LEU B 3 1.35 30.05 -6.50
C LEU B 3 1.61 28.76 -5.73
N MET B 4 1.05 28.70 -4.53
CA MET B 4 1.15 27.51 -3.67
C MET B 4 -0.25 27.02 -3.39
N ILE B 5 -0.48 25.75 -3.70
CA ILE B 5 -1.79 25.11 -3.49
C ILE B 5 -1.61 23.96 -2.52
N VAL B 6 -2.38 23.99 -1.44
CA VAL B 6 -2.22 23.03 -0.35
C VAL B 6 -3.33 21.99 -0.37
N ASP B 7 -2.93 20.73 -0.41
CA ASP B 7 -3.84 19.58 -0.25
C ASP B 7 -4.11 19.48 1.26
N GLY B 8 -5.14 20.17 1.72
CA GLY B 8 -5.31 20.45 3.17
C GLY B 8 -5.71 19.26 4.03
N THR B 9 -6.54 18.40 3.48
CA THR B 9 -6.91 17.20 4.21
C THR B 9 -5.71 16.25 4.30
N ASN B 10 -4.93 16.19 3.23
CA ASN B 10 -3.68 15.42 3.14
C ASN B 10 -2.67 15.92 4.18
N LEU B 11 -2.52 17.24 4.26
CA LEU B 11 -1.66 17.84 5.30
C LEU B 11 -2.16 17.50 6.70
N GLY B 12 -3.47 17.45 6.86
CA GLY B 12 -4.09 17.05 8.12
C GLY B 12 -3.51 15.76 8.71
N PHE B 13 -3.20 14.80 7.85
CA PHE B 13 -2.62 13.50 8.33
C PHE B 13 -1.30 13.67 9.10
N ARG B 14 -0.54 14.71 8.78
CA ARG B 14 0.74 15.04 9.48
C ARG B 14 0.46 15.23 10.96
N PHE B 15 -0.65 15.89 11.24
CA PHE B 15 -1.04 16.24 12.61
C PHE B 15 -1.78 15.13 13.33
N LYS B 16 -2.60 14.40 12.58
CA LYS B 16 -3.25 13.19 13.12
C LYS B 16 -2.17 12.22 13.62
N HIS B 17 -1.13 12.00 12.81
CA HIS B 17 -0.05 11.01 13.15
C HIS B 17 0.94 11.47 14.22
N ASN B 18 0.97 12.77 14.50
CA ASN B 18 1.58 13.27 15.76
C ASN B 18 0.51 13.08 16.82
N ASN B 19 0.45 11.87 17.36
CA ASN B 19 -0.72 11.45 18.19
C ASN B 19 -0.72 12.00 19.61
N SER B 20 -1.04 13.28 19.70
CA SER B 20 -1.10 13.99 20.99
C SER B 20 -2.52 14.24 21.50
N LYS B 21 -3.51 13.99 20.66
CA LYS B 21 -4.94 14.18 21.04
C LYS B 21 -5.25 15.61 21.48
N LYS B 22 -4.65 16.54 20.78
CA LYS B 22 -4.68 17.97 21.13
C LYS B 22 -5.03 18.77 19.87
N PRO B 23 -5.63 19.96 20.05
CA PRO B 23 -5.90 20.80 18.89
C PRO B 23 -4.58 21.16 18.18
N PHE B 24 -4.66 21.28 16.86
CA PHE B 24 -3.49 21.58 16.01
C PHE B 24 -3.69 22.73 15.02
N ALA B 25 -4.79 23.44 15.13
CA ALA B 25 -5.10 24.53 14.17
C ALA B 25 -3.93 25.51 14.04
N SER B 26 -3.40 25.93 15.18
CA SER B 26 -2.30 26.90 15.20
C SER B 26 -1.01 26.37 14.51
N SER B 27 -0.65 25.14 14.85
CA SER B 27 0.50 24.46 14.21
C SER B 27 0.30 24.26 12.71
N TYR B 28 -0.95 23.96 12.34
CA TYR B 28 -1.33 23.73 10.93
C TYR B 28 -1.07 25.01 10.12
N VAL B 29 -1.62 26.11 10.61
CA VAL B 29 -1.45 27.41 9.95
C VAL B 29 0.05 27.83 9.92
N SER B 30 0.74 27.63 11.03
N SER B 30 0.73 27.62 11.03
CA SER B 30 2.20 27.91 11.08
CA SER B 30 2.18 27.92 11.10
C SER B 30 2.96 27.17 9.98
C SER B 30 2.97 27.15 10.01
N THR B 31 2.63 25.89 9.85
CA THR B 31 3.27 25.01 8.81
C THR B 31 3.07 25.57 7.39
N ILE B 32 1.86 25.98 7.11
CA ILE B 32 1.52 26.61 5.81
C ILE B 32 2.27 27.94 5.60
N GLN B 33 2.31 28.77 6.64
CA GLN B 33 3.12 30.01 6.57
C GLN B 33 4.60 29.73 6.26
N SER B 34 5.15 28.71 6.90
CA SER B 34 6.56 28.36 6.69
C SER B 34 6.80 27.94 5.22
N LEU B 35 5.86 27.16 4.71
CA LEU B 35 5.94 26.66 3.32
C LEU B 35 5.83 27.80 2.31
N ALA B 36 4.94 28.74 2.63
CA ALA B 36 4.70 29.92 1.76
C ALA B 36 5.97 30.76 1.65
N LYS B 37 6.73 30.83 2.74
CA LYS B 37 8.05 31.50 2.70
C LYS B 37 9.05 30.69 1.90
N SER B 38 9.15 29.40 2.22
CA SER B 38 10.08 28.48 1.52
C SER B 38 9.91 28.53 0.00
N TYR B 39 8.65 28.55 -0.43
CA TYR B 39 8.29 28.47 -1.86
C TYR B 39 7.92 29.82 -2.50
N SER B 40 8.26 30.91 -1.81
CA SER B 40 8.07 32.29 -2.34
C SER B 40 6.68 32.50 -2.93
N ALA B 41 5.69 32.14 -2.14
CA ALA B 41 4.29 32.16 -2.58
C ALA B 41 3.73 33.58 -2.53
N ARG B 42 3.43 34.13 -3.69
CA ARG B 42 2.64 35.37 -3.79
C ARG B 42 1.19 35.12 -3.34
N THR B 43 0.70 33.94 -3.69
CA THR B 43 -0.66 33.50 -3.41
C THR B 43 -0.57 32.08 -2.86
N THR B 44 -1.26 31.86 -1.75
CA THR B 44 -1.46 30.54 -1.15
C THR B 44 -2.94 30.25 -1.14
N ILE B 45 -3.29 29.09 -1.66
CA ILE B 45 -4.68 28.60 -1.61
C ILE B 45 -4.72 27.25 -0.90
N VAL B 46 -5.57 27.17 0.11
CA VAL B 46 -5.71 25.95 0.91
C VAL B 46 -7.00 25.25 0.52
N LEU B 47 -6.89 23.99 0.16
CA LEU B 47 -8.05 23.21 -0.27
C LEU B 47 -8.32 22.11 0.72
N GLY B 48 -9.58 21.72 0.87
CA GLY B 48 -9.92 20.52 1.63
C GLY B 48 -10.94 19.65 0.96
N ASP B 49 -11.00 18.42 1.44
CA ASP B 49 -12.01 17.50 1.00
C ASP B 49 -13.22 17.62 1.93
N LYS B 50 -14.41 17.59 1.33
CA LYS B 50 -15.66 17.69 2.06
C LYS B 50 -16.64 16.79 1.35
N GLY B 51 -17.13 15.79 2.04
CA GLY B 51 -17.94 14.75 1.43
C GLY B 51 -17.13 13.84 0.52
N LYS B 52 -17.87 13.11 -0.28
CA LYS B 52 -17.35 12.12 -1.22
C LYS B 52 -17.50 12.64 -2.64
N SER B 53 -16.67 12.15 -3.55
CA SER B 53 -16.65 12.64 -4.93
C SER B 53 -17.95 12.31 -5.67
N VAL B 54 -18.78 13.31 -5.87
CA VAL B 54 -20.07 13.08 -6.57
C VAL B 54 -19.80 12.54 -8.01
N PHE B 55 -18.85 13.19 -8.67
CA PHE B 55 -18.49 12.84 -10.05
C PHE B 55 -18.04 11.37 -10.13
N ARG B 56 -17.09 10.99 -9.30
CA ARG B 56 -16.51 9.63 -9.39
C ARG B 56 -17.50 8.54 -8.94
N LEU B 57 -18.34 8.85 -7.96
CA LEU B 57 -19.38 7.90 -7.48
C LEU B 57 -20.41 7.60 -8.57
N GLU B 58 -20.66 8.58 -9.44
CA GLU B 58 -21.55 8.38 -10.61
C GLU B 58 -21.01 7.30 -11.53
N HIS B 59 -19.68 7.24 -11.65
CA HIS B 59 -19.02 6.27 -12.54
C HIS B 59 -18.69 4.95 -11.85
N LEU B 60 -18.40 5.03 -10.55
CA LEU B 60 -18.04 3.85 -9.75
C LEU B 60 -18.58 4.01 -8.33
N PRO B 61 -19.75 3.41 -8.04
CA PRO B 61 -20.36 3.67 -6.73
C PRO B 61 -19.49 3.33 -5.52
N GLU B 62 -18.67 2.31 -5.65
CA GLU B 62 -17.78 1.91 -4.54
C GLU B 62 -16.37 2.54 -4.55
N TYR B 63 -16.23 3.63 -5.29
CA TYR B 63 -14.97 4.37 -5.35
C TYR B 63 -14.56 4.86 -3.95
N LYS B 64 -13.33 4.56 -3.56
CA LYS B 64 -12.75 4.91 -2.22
C LYS B 64 -13.68 4.46 -1.06
N GLY B 65 -14.38 3.36 -1.32
CA GLY B 65 -15.35 2.79 -0.39
C GLY B 65 -14.66 2.03 0.73
N ASN B 66 -15.39 1.82 1.80
CA ASN B 66 -14.83 1.20 3.03
C ASN B 66 -14.74 -0.33 2.98
N ARG B 67 -15.31 -0.92 1.93
CA ARG B 67 -15.35 -2.39 1.73
C ARG B 67 -15.94 -3.10 2.98
N ASP B 68 -16.94 -2.47 3.59
CA ASP B 68 -17.62 -3.06 4.77
C ASP B 68 -18.39 -4.37 4.49
N GLU B 69 -18.67 -4.64 3.21
CA GLU B 69 -19.24 -5.95 2.79
C GLU B 69 -18.29 -7.12 3.01
N LYS B 70 -16.99 -6.82 3.01
CA LYS B 70 -15.92 -7.83 3.00
C LYS B 70 -15.03 -7.85 4.25
N TYR B 71 -14.72 -6.67 4.78
CA TYR B 71 -13.66 -6.52 5.79
C TYR B 71 -14.09 -5.82 7.05
N ALA B 72 -13.50 -6.27 8.16
CA ALA B 72 -13.69 -5.65 9.47
C ALA B 72 -13.40 -4.16 9.42
N GLN B 73 -14.22 -3.44 10.17
CA GLN B 73 -14.21 -1.98 10.21
C GLN B 73 -13.65 -1.52 11.53
N ARG B 74 -13.43 -0.21 11.60
CA ARG B 74 -13.01 0.42 12.86
C ARG B 74 -14.02 0.17 13.98
N THR B 75 -13.53 0.12 15.20
CA THR B 75 -14.40 0.02 16.38
C THR B 75 -15.15 1.35 16.59
N GLU B 76 -16.22 1.28 17.36
CA GLU B 76 -17.00 2.49 17.72
C GLU B 76 -16.11 3.52 18.51
N GLU B 77 -15.20 3.01 19.32
CA GLU B 77 -14.19 3.86 20.02
C GLU B 77 -13.24 4.54 19.03
N GLU B 78 -12.78 3.77 18.06
CA GLU B 78 -11.90 4.31 16.99
C GLU B 78 -12.63 5.37 16.16
N LYS B 79 -13.91 5.10 15.88
CA LYS B 79 -14.77 6.06 15.15
C LYS B 79 -14.87 7.41 15.91
N ALA B 80 -15.08 7.33 17.22
CA ALA B 80 -15.08 8.52 18.12
C ALA B 80 -13.77 9.32 18.02
N LEU B 81 -12.65 8.62 18.07
CA LEU B 81 -11.31 9.23 17.92
C LEU B 81 -11.11 9.92 16.56
N ASP B 82 -11.55 9.24 15.52
CA ASP B 82 -11.61 9.82 14.16
C ASP B 82 -12.48 11.08 14.10
N GLU B 83 -13.65 11.01 14.73
CA GLU B 83 -14.60 12.14 14.75
C GLU B 83 -13.99 13.36 15.47
N GLN B 84 -13.29 13.10 16.58
CA GLN B 84 -12.56 14.16 17.32
C GLN B 84 -11.49 14.79 16.44
N PHE B 85 -10.74 13.96 15.73
CA PHE B 85 -9.72 14.44 14.75
C PHE B 85 -10.38 15.34 13.69
N PHE B 86 -11.51 14.87 13.15
CA PHE B 86 -12.26 15.62 12.12
C PHE B 86 -12.68 17.01 12.66
N GLU B 87 -13.06 17.06 13.93
CA GLU B 87 -13.40 18.35 14.56
C GLU B 87 -12.19 19.28 14.66
N TYR B 88 -11.07 18.72 15.08
CA TYR B 88 -9.80 19.47 15.11
C TYR B 88 -9.37 19.96 13.71
N LEU B 89 -9.56 19.11 12.71
CA LEU B 89 -9.24 19.48 11.30
C LEU B 89 -10.15 20.61 10.81
N LYS B 90 -11.44 20.49 11.10
CA LYS B 90 -12.43 21.55 10.79
C LYS B 90 -11.99 22.89 11.39
N ASP B 91 -11.57 22.85 12.65
CA ASP B 91 -11.05 24.06 13.32
C ASP B 91 -9.81 24.64 12.63
N ALA B 92 -8.91 23.74 12.20
CA ALA B 92 -7.71 24.16 11.42
C ALA B 92 -8.12 24.89 10.14
N PHE B 93 -9.09 24.32 9.43
CA PHE B 93 -9.63 24.98 8.19
C PHE B 93 -10.28 26.35 8.48
N GLU B 94 -10.97 26.44 9.61
CA GLU B 94 -11.59 27.72 10.04
C GLU B 94 -10.52 28.78 10.30
N LEU B 95 -9.46 28.39 11.00
CA LEU B 95 -8.35 29.32 11.26
C LEU B 95 -7.64 29.69 9.95
N CYS B 96 -7.45 28.71 9.09
CA CYS B 96 -6.90 28.95 7.74
CA CYS B 96 -6.93 28.92 7.76
C CYS B 96 -7.67 30.02 7.00
N LYS B 97 -8.98 29.89 7.02
CA LYS B 97 -9.87 30.78 6.26
C LYS B 97 -9.74 32.26 6.68
N THR B 98 -9.31 32.50 7.92
CA THR B 98 -8.95 33.86 8.40
C THR B 98 -7.66 34.44 7.79
N THR B 99 -6.81 33.57 7.25
CA THR B 99 -5.42 33.92 6.85
C THR B 99 -5.11 33.75 5.36
N PHE B 100 -5.72 32.74 4.75
CA PHE B 100 -5.51 32.38 3.35
C PHE B 100 -6.84 32.13 2.66
N PRO B 101 -6.89 32.30 1.32
CA PRO B 101 -7.98 31.72 0.57
C PRO B 101 -8.06 30.22 0.81
N THR B 102 -9.23 29.80 1.24
CA THR B 102 -9.47 28.44 1.72
C THR B 102 -10.79 27.97 1.13
N PHE B 103 -10.76 26.81 0.47
CA PHE B 103 -11.94 26.27 -0.22
C PHE B 103 -12.20 24.83 0.11
N THR B 104 -13.45 24.57 0.46
CA THR B 104 -14.03 23.23 0.45
C THR B 104 -15.30 23.38 -0.36
N ILE B 105 -15.53 22.41 -1.22
CA ILE B 105 -16.78 22.31 -1.96
C ILE B 105 -17.33 20.91 -1.73
N ARG B 106 -18.47 20.84 -1.05
CA ARG B 106 -19.07 19.57 -0.70
C ARG B 106 -19.29 18.74 -1.97
N GLY B 107 -18.77 17.53 -1.96
CA GLY B 107 -18.94 16.62 -3.11
C GLY B 107 -17.87 16.72 -4.19
N VAL B 108 -16.86 17.55 -3.96
CA VAL B 108 -15.75 17.72 -4.90
C VAL B 108 -14.43 17.43 -4.17
N GLU B 109 -13.63 16.57 -4.75
CA GLU B 109 -12.29 16.28 -4.20
C GLU B 109 -11.36 17.47 -4.38
N ALA B 110 -10.53 17.70 -3.38
CA ALA B 110 -9.49 18.73 -3.48
C ALA B 110 -8.65 18.60 -4.77
N ASP B 111 -8.43 17.37 -5.20
CA ASP B 111 -7.67 17.04 -6.40
C ASP B 111 -8.20 17.84 -7.61
N ASP B 112 -9.53 17.84 -7.73
CA ASP B 112 -10.19 18.46 -8.87
C ASP B 112 -10.14 19.98 -8.79
N MET B 113 -10.38 20.50 -7.59
CA MET B 113 -10.12 21.93 -7.37
C MET B 113 -8.70 22.39 -7.72
N ALA B 114 -7.71 21.62 -7.30
CA ALA B 114 -6.29 21.96 -7.59
C ALA B 114 -6.02 21.96 -9.10
N ALA B 115 -6.50 20.93 -9.77
CA ALA B 115 -6.35 20.83 -11.24
C ALA B 115 -6.96 22.03 -11.95
N TYR B 116 -8.17 22.39 -11.54
CA TYR B 116 -8.87 23.53 -12.15
C TYR B 116 -8.22 24.88 -11.85
N ILE B 117 -7.78 25.06 -10.63
CA ILE B 117 -7.03 26.26 -10.25
C ILE B 117 -5.79 26.45 -11.14
N VAL B 118 -5.02 25.39 -11.29
CA VAL B 118 -3.80 25.44 -12.14
C VAL B 118 -4.20 25.86 -13.56
N LYS B 119 -5.23 25.22 -14.08
CA LYS B 119 -5.80 25.52 -15.42
C LYS B 119 -6.14 27.00 -15.55
N LEU B 120 -6.82 27.56 -14.54
CA LEU B 120 -7.33 28.96 -14.63
C LEU B 120 -6.26 30.02 -14.48
N ILE B 121 -5.39 29.84 -13.49
CA ILE B 121 -4.45 30.90 -13.06
C ILE B 121 -2.97 30.55 -12.95
N GLY B 122 -2.59 29.31 -13.19
CA GLY B 122 -1.19 28.88 -12.99
C GLY B 122 -0.19 29.69 -13.81
N HIS B 123 -0.64 30.09 -14.99
CA HIS B 123 0.20 30.86 -15.94
C HIS B 123 0.54 32.30 -15.49
N LEU B 124 -0.20 32.79 -14.49
CA LEU B 124 0.03 34.12 -13.89
C LEU B 124 1.15 34.17 -12.85
N TYR B 125 1.77 33.02 -12.61
CA TYR B 125 2.82 32.89 -11.60
C TYR B 125 4.10 32.34 -12.21
N ASP B 126 5.21 32.57 -11.52
CA ASP B 126 6.52 32.03 -11.97
C ASP B 126 6.58 30.49 -11.94
N HIS B 127 6.00 29.93 -10.89
CA HIS B 127 5.94 28.49 -10.70
C HIS B 127 4.75 28.19 -9.81
N VAL B 128 4.26 26.97 -9.90
CA VAL B 128 3.21 26.49 -9.03
C VAL B 128 3.78 25.35 -8.18
N TRP B 129 3.60 25.47 -6.87
CA TRP B 129 3.99 24.46 -5.89
C TRP B 129 2.76 23.84 -5.25
N LEU B 130 2.62 22.54 -5.48
CA LEU B 130 1.57 21.70 -4.91
C LEU B 130 2.09 21.07 -3.61
N ILE B 131 1.38 21.30 -2.50
CA ILE B 131 1.79 20.74 -1.21
C ILE B 131 0.91 19.52 -0.95
N SER B 132 1.41 18.36 -1.32
CA SER B 132 0.71 17.08 -1.14
C SER B 132 1.68 15.92 -1.06
N THR B 133 1.36 14.98 -0.19
CA THR B 133 2.06 13.69 -0.13
C THR B 133 1.46 12.65 -1.10
N ASP B 134 0.38 13.01 -1.76
CA ASP B 134 -0.35 12.12 -2.65
C ASP B 134 0.25 12.12 -4.06
N GLY B 135 0.81 10.98 -4.46
CA GLY B 135 1.36 10.77 -5.82
C GLY B 135 0.35 11.01 -6.93
N ASP B 136 -0.94 10.87 -6.63
CA ASP B 136 -2.01 11.19 -7.60
C ASP B 136 -1.93 12.64 -8.11
N TRP B 137 -1.43 13.54 -7.27
CA TRP B 137 -1.29 14.95 -7.69
C TRP B 137 -0.21 15.15 -8.74
N ASP B 138 0.64 14.15 -8.97
CA ASP B 138 1.63 14.23 -10.04
C ASP B 138 1.04 14.18 -11.47
N THR B 139 -0.26 13.88 -11.59
CA THR B 139 -0.96 14.05 -12.86
C THR B 139 -1.02 15.53 -13.26
N LEU B 140 -0.71 16.42 -12.30
CA LEU B 140 -0.72 17.88 -12.55
C LEU B 140 0.65 18.49 -12.88
N LEU B 141 1.69 17.68 -12.86
CA LEU B 141 3.04 18.20 -13.09
C LEU B 141 3.20 18.72 -14.52
N THR B 142 3.89 19.85 -14.62
CA THR B 142 4.32 20.42 -15.91
C THR B 142 5.69 20.96 -15.65
N ASP B 143 6.34 21.56 -16.64
CA ASP B 143 7.63 22.23 -16.33
C ASP B 143 7.50 23.44 -15.38
N LYS B 144 6.29 23.96 -15.24
CA LYS B 144 5.95 25.07 -14.31
C LYS B 144 5.15 24.70 -13.04
N VAL B 145 4.92 23.40 -12.85
CA VAL B 145 4.10 22.87 -11.72
C VAL B 145 4.82 21.68 -11.09
N SER B 146 5.20 21.83 -9.83
CA SER B 146 5.92 20.79 -9.07
C SER B 146 5.20 20.51 -7.75
N ARG B 147 5.60 19.41 -7.13
CA ARG B 147 5.01 18.96 -5.86
C ARG B 147 6.08 18.80 -4.77
N PHE B 148 5.70 19.21 -3.57
CA PHE B 148 6.47 18.93 -2.35
C PHE B 148 5.69 18.02 -1.42
N SER B 149 6.36 16.96 -0.99
CA SER B 149 5.81 15.96 -0.06
C SER B 149 6.48 16.02 1.30
N PHE B 150 5.71 16.28 2.34
CA PHE B 150 6.22 16.21 3.74
CA PHE B 150 6.27 16.23 3.71
C PHE B 150 6.64 14.80 4.20
N THR B 151 6.07 13.76 3.61
CA THR B 151 6.41 12.37 4.02
C THR B 151 7.79 11.93 3.50
N THR B 152 8.03 12.16 2.22
CA THR B 152 9.34 11.85 1.58
C THR B 152 10.36 13.00 1.66
N ARG B 153 9.85 14.18 1.98
CA ARG B 153 10.62 15.48 1.93
C ARG B 153 11.25 15.77 0.54
N ARG B 154 10.65 15.17 -0.47
CA ARG B 154 11.14 15.24 -1.84
C ARG B 154 10.35 16.30 -2.63
N GLU B 155 11.03 16.91 -3.58
CA GLU B 155 10.42 17.78 -4.60
C GLU B 155 10.30 17.02 -5.91
N TYR B 156 9.09 17.03 -6.48
CA TYR B 156 8.74 16.25 -7.66
C TYR B 156 8.55 17.15 -8.87
N HIS B 157 9.41 16.95 -9.86
CA HIS B 157 9.38 17.74 -11.11
C HIS B 157 9.06 16.83 -12.30
N LEU B 158 8.38 17.40 -13.29
CA LEU B 158 7.98 16.65 -14.50
C LEU B 158 9.15 15.93 -15.18
N ARG B 159 10.30 16.58 -15.25
CA ARG B 159 11.45 15.99 -15.98
C ARG B 159 11.93 14.68 -15.33
N ASP B 160 11.62 14.52 -14.05
CA ASP B 160 11.98 13.33 -13.28
C ASP B 160 10.87 12.30 -13.15
N MET B 161 9.88 12.39 -14.02
CA MET B 161 8.71 11.48 -13.97
C MET B 161 9.10 10.00 -13.96
N TYR B 162 10.11 9.65 -14.76
CA TYR B 162 10.48 8.24 -14.87
C TYR B 162 11.13 7.74 -13.57
N GLU B 163 12.01 8.57 -13.02
CA GLU B 163 12.62 8.33 -11.73
C GLU B 163 11.55 8.08 -10.65
N HIS B 164 10.52 8.93 -10.61
CA HIS B 164 9.48 8.83 -9.56
C HIS B 164 8.40 7.79 -9.79
N HIS B 165 8.02 7.62 -11.04
CA HIS B 165 6.80 6.86 -11.36
C HIS B 165 6.95 5.77 -12.44
N ASN B 166 8.18 5.63 -12.92
CA ASN B 166 8.53 4.62 -13.96
C ASN B 166 7.66 4.69 -15.25
N VAL B 167 7.32 5.92 -15.61
CA VAL B 167 6.68 6.30 -16.88
C VAL B 167 7.32 7.59 -17.40
N ASP B 168 7.15 7.85 -18.68
CA ASP B 168 7.84 8.99 -19.35
C ASP B 168 7.26 10.40 -19.09
N ASP B 169 5.95 10.47 -18.93
CA ASP B 169 5.24 11.75 -18.86
C ASP B 169 3.88 11.59 -18.21
N VAL B 170 3.16 12.70 -18.08
CA VAL B 170 1.83 12.67 -17.43
C VAL B 170 0.78 11.79 -18.15
N GLU B 171 0.72 11.89 -19.47
CA GLU B 171 -0.23 11.05 -20.24
C GLU B 171 -0.02 9.55 -19.94
N GLN B 172 1.23 9.13 -19.89
CA GLN B 172 1.56 7.72 -19.56
C GLN B 172 1.23 7.36 -18.12
N PHE B 173 1.50 8.27 -17.20
CA PHE B 173 1.17 8.09 -15.78
C PHE B 173 -0.33 7.83 -15.59
N ILE B 174 -1.14 8.66 -16.24
CA ILE B 174 -2.60 8.55 -16.18
C ILE B 174 -3.04 7.20 -16.79
N SER B 175 -2.52 6.90 -17.96
CA SER B 175 -2.87 5.63 -18.63
C SER B 175 -2.49 4.40 -17.81
N LEU B 176 -1.31 4.45 -17.21
CA LEU B 176 -0.84 3.32 -16.39
C LEU B 176 -1.76 3.10 -15.16
N LYS B 177 -2.09 4.21 -14.50
N LYS B 177 -2.15 4.19 -14.50
CA LYS B 177 -3.07 4.23 -13.39
CA LYS B 177 -3.05 4.06 -13.36
C LYS B 177 -4.39 3.57 -13.80
C LYS B 177 -4.47 3.62 -13.76
N ALA B 178 -4.87 3.93 -14.98
CA ALA B 178 -6.17 3.44 -15.48
C ALA B 178 -6.14 1.93 -15.75
N ILE B 179 -5.00 1.46 -16.27
CA ILE B 179 -4.81 0.02 -16.55
C ILE B 179 -4.65 -0.77 -15.25
N MET B 180 -3.82 -0.25 -14.36
CA MET B 180 -3.47 -0.98 -13.13
C MET B 180 -4.56 -0.95 -12.06
N GLY B 181 -5.38 0.09 -12.09
CA GLY B 181 -6.33 0.36 -11.01
C GLY B 181 -5.58 0.72 -9.73
N ASP B 182 -6.30 0.70 -8.63
CA ASP B 182 -5.79 1.11 -7.34
C ASP B 182 -6.52 0.36 -6.24
N LEU B 183 -5.79 -0.56 -5.62
CA LEU B 183 -6.37 -1.46 -4.62
C LEU B 183 -6.91 -0.65 -3.43
N GLY B 184 -6.07 0.26 -2.95
CA GLY B 184 -6.42 1.15 -1.82
C GLY B 184 -7.72 1.93 -2.02
N ASP B 185 -7.86 2.48 -3.23
CA ASP B 185 -9.06 3.26 -3.65
C ASP B 185 -10.25 2.43 -4.17
N ASN B 186 -10.11 1.12 -4.16
CA ASN B 186 -11.15 0.18 -4.62
C ASN B 186 -11.49 0.32 -6.11
N ILE B 187 -10.45 0.55 -6.90
CA ILE B 187 -10.59 0.68 -8.36
C ILE B 187 -9.97 -0.57 -8.96
N ARG B 188 -10.80 -1.43 -9.53
CA ARG B 188 -10.31 -2.66 -10.19
C ARG B 188 -9.46 -2.30 -11.40
N GLY B 189 -8.34 -2.99 -11.53
CA GLY B 189 -7.50 -2.93 -12.73
C GLY B 189 -7.54 -4.20 -13.55
N VAL B 190 -6.79 -4.18 -14.64
CA VAL B 190 -6.65 -5.34 -15.53
C VAL B 190 -5.75 -6.40 -14.85
N GLU B 191 -6.25 -7.61 -14.70
CA GLU B 191 -5.48 -8.68 -14.05
C GLU B 191 -4.21 -9.00 -14.84
N GLY B 192 -3.10 -9.11 -14.11
CA GLY B 192 -1.78 -9.45 -14.68
C GLY B 192 -0.95 -8.30 -15.18
N ILE B 193 -1.44 -7.09 -14.99
CA ILE B 193 -0.73 -5.90 -15.47
C ILE B 193 -0.33 -4.99 -14.32
N GLY B 194 0.95 -5.00 -14.06
CA GLY B 194 1.59 -4.05 -13.15
C GLY B 194 2.43 -3.05 -13.91
N ALA B 195 3.36 -2.42 -13.21
CA ALA B 195 4.09 -1.26 -13.77
C ALA B 195 4.96 -1.58 -15.00
N LYS B 196 5.65 -2.71 -14.97
CA LYS B 196 6.55 -3.12 -16.08
C LYS B 196 5.76 -3.43 -17.34
N ARG B 197 4.84 -4.37 -17.19
CA ARG B 197 3.97 -4.80 -18.31
C ARG B 197 3.17 -3.63 -18.86
N GLY B 198 2.62 -2.83 -17.94
CA GLY B 198 1.83 -1.67 -18.31
C GLY B 198 2.58 -0.62 -19.10
N TYR B 199 3.77 -0.29 -18.61
CA TYR B 199 4.64 0.70 -19.30
C TYR B 199 5.00 0.23 -20.72
N ASN B 200 5.29 -1.06 -20.82
CA ASN B 200 5.65 -1.67 -22.11
C ASN B 200 4.49 -1.68 -23.10
N ILE B 201 3.31 -1.96 -22.59
CA ILE B 201 2.08 -1.88 -23.41
C ILE B 201 1.86 -0.44 -23.89
N ILE B 202 1.96 0.51 -22.97
CA ILE B 202 1.75 1.93 -23.30
C ILE B 202 2.80 2.44 -24.32
N ARG B 203 4.05 2.06 -24.11
CA ARG B 203 5.13 2.42 -25.06
C ARG B 203 4.88 1.90 -26.47
N GLU B 204 4.40 0.66 -26.55
CA GLU B 204 4.14 0.04 -27.87
C GLU B 204 2.86 0.53 -28.55
N PHE B 205 1.80 0.67 -27.78
CA PHE B 205 0.43 0.87 -28.36
C PHE B 205 -0.21 2.26 -28.12
N GLY B 206 0.36 2.96 -27.17
CA GLY B 206 -0.05 4.32 -26.83
C GLY B 206 -0.85 4.40 -25.55
N ASN B 207 -1.58 5.52 -25.44
N ASN B 207 -1.58 5.47 -25.39
CA ASN B 207 -2.46 5.85 -24.30
CA ASN B 207 -2.30 5.71 -24.15
C ASN B 207 -3.69 4.96 -24.24
C ASN B 207 -3.67 4.99 -24.22
N VAL B 208 -4.46 5.08 -23.17
CA VAL B 208 -5.66 4.20 -22.99
C VAL B 208 -6.67 4.27 -24.14
N LEU B 209 -6.96 5.48 -24.60
CA LEU B 209 -7.90 5.61 -25.73
C LEU B 209 -7.33 4.98 -27.01
N ASP B 210 -6.03 5.15 -27.21
CA ASP B 210 -5.31 4.52 -28.35
C ASP B 210 -5.38 3.00 -28.29
N ILE B 211 -5.17 2.48 -27.10
CA ILE B 211 -5.23 1.04 -26.83
C ILE B 211 -6.63 0.52 -27.18
N ILE B 212 -7.63 1.21 -26.70
CA ILE B 212 -9.06 0.86 -26.94
C ILE B 212 -9.36 0.78 -28.46
N ASP B 213 -8.88 1.78 -29.20
CA ASP B 213 -9.00 1.79 -30.70
C ASP B 213 -8.41 0.56 -31.36
N GLN B 214 -7.40 -0.02 -30.72
CA GLN B 214 -6.68 -1.19 -31.26
C GLN B 214 -7.11 -2.58 -30.76
N LEU B 215 -8.07 -2.63 -29.86
CA LEU B 215 -8.51 -3.93 -29.33
C LEU B 215 -9.27 -4.69 -30.42
N PRO B 216 -9.06 -6.01 -30.54
CA PRO B 216 -8.13 -6.80 -29.73
C PRO B 216 -6.68 -6.69 -30.16
N LEU B 217 -5.80 -6.53 -29.18
CA LEU B 217 -4.36 -6.49 -29.41
C LEU B 217 -3.85 -7.91 -29.69
N PRO B 218 -2.76 -8.03 -30.47
CA PRO B 218 -2.13 -9.31 -30.71
C PRO B 218 -1.30 -9.74 -29.51
N GLY B 219 -0.98 -11.02 -29.47
CA GLY B 219 -0.05 -11.58 -28.48
C GLY B 219 -0.63 -12.74 -27.69
N LYS B 220 0.23 -13.72 -27.44
CA LYS B 220 -0.15 -14.95 -26.71
C LYS B 220 -0.34 -14.76 -25.20
N GLN B 221 0.10 -13.62 -24.68
CA GLN B 221 0.13 -13.41 -23.24
C GLN B 221 -1.29 -13.31 -22.68
N LYS B 222 -1.57 -14.05 -21.62
CA LYS B 222 -2.94 -14.04 -21.06
C LYS B 222 -3.35 -12.65 -20.52
N TYR B 223 -2.37 -11.88 -20.05
CA TYR B 223 -2.68 -10.52 -19.59
C TYR B 223 -3.14 -9.63 -20.75
N ILE B 224 -2.68 -9.93 -21.97
CA ILE B 224 -3.19 -9.22 -23.17
C ILE B 224 -4.65 -9.62 -23.45
N GLN B 225 -4.96 -10.90 -23.28
CA GLN B 225 -6.38 -11.33 -23.30
C GLN B 225 -7.23 -10.54 -22.31
N ASN B 226 -6.68 -10.35 -21.12
CA ASN B 226 -7.42 -9.60 -20.09
C ASN B 226 -7.65 -8.16 -20.51
N LEU B 227 -6.61 -7.54 -21.03
CA LEU B 227 -6.70 -6.17 -21.59
C LEU B 227 -7.77 -6.09 -22.70
N ASN B 228 -7.75 -7.08 -23.58
CA ASN B 228 -8.74 -7.16 -24.68
C ASN B 228 -10.20 -7.24 -24.24
N ALA B 229 -10.43 -7.84 -23.08
CA ALA B 229 -11.76 -8.00 -22.50
C ALA B 229 -12.14 -6.82 -21.58
N SER B 230 -11.30 -5.81 -21.55
CA SER B 230 -11.41 -4.71 -20.57
C SER B 230 -11.78 -3.31 -21.07
N GLU B 231 -12.39 -3.21 -22.26
CA GLU B 231 -12.70 -1.89 -22.85
C GLU B 231 -13.50 -1.00 -21.87
N GLU B 232 -14.54 -1.57 -21.28
CA GLU B 232 -15.40 -0.76 -20.39
C GLU B 232 -14.69 -0.30 -19.14
N LEU B 233 -13.92 -1.20 -18.57
CA LEU B 233 -13.12 -0.89 -17.38
C LEU B 233 -12.09 0.23 -17.66
N LEU B 234 -11.43 0.13 -18.79
CA LEU B 234 -10.40 1.10 -19.20
C LEU B 234 -10.97 2.52 -19.35
N PHE B 235 -12.08 2.57 -20.11
N PHE B 235 -12.08 2.63 -20.03
CA PHE B 235 -12.90 3.81 -20.34
CA PHE B 235 -12.62 3.97 -20.24
C PHE B 235 -13.20 4.48 -18.99
C PHE B 235 -13.26 4.55 -18.97
N ARG B 236 -13.82 3.69 -18.13
CA ARG B 236 -14.28 4.13 -16.79
C ARG B 236 -13.10 4.58 -15.94
N ASN B 237 -12.08 3.75 -15.90
CA ASN B 237 -10.89 4.09 -15.09
C ASN B 237 -10.21 5.38 -15.54
N LEU B 238 -10.15 5.62 -16.84
CA LEU B 238 -9.61 6.88 -17.39
C LEU B 238 -10.36 8.10 -16.83
N ILE B 239 -11.68 8.01 -16.80
CA ILE B 239 -12.55 9.08 -16.24
C ILE B 239 -12.20 9.30 -14.75
N LEU B 240 -11.98 8.21 -14.03
CA LEU B 240 -11.66 8.28 -12.57
C LEU B 240 -10.30 8.90 -12.25
N VAL B 241 -9.33 8.72 -13.13
CA VAL B 241 -7.92 9.07 -12.83
C VAL B 241 -7.33 10.23 -13.64
N ASP B 242 -7.99 10.58 -14.74
CA ASP B 242 -7.47 11.65 -15.63
C ASP B 242 -7.91 13.01 -15.08
N LEU B 243 -7.18 13.48 -14.06
N LEU B 243 -7.13 13.46 -14.12
CA LEU B 243 -7.54 14.73 -13.33
CA LEU B 243 -7.48 14.62 -13.32
C LEU B 243 -7.62 15.94 -14.25
C LEU B 243 -7.54 15.93 -14.16
N PRO B 244 -6.55 16.20 -15.03
CA PRO B 244 -6.63 17.42 -15.84
C PRO B 244 -7.75 17.44 -16.86
N THR B 245 -8.07 16.28 -17.42
CA THR B 245 -9.13 16.20 -18.43
C THR B 245 -10.52 16.45 -17.84
N TYR B 246 -10.78 15.83 -16.69
CA TYR B 246 -12.13 15.84 -16.12
C TYR B 246 -12.39 16.80 -14.95
N CYS B 247 -11.40 17.61 -14.60
CA CYS B 247 -11.55 18.50 -13.40
C CYS B 247 -12.76 19.45 -13.48
N VAL B 248 -13.03 20.02 -14.64
CA VAL B 248 -14.19 20.92 -14.80
C VAL B 248 -15.47 20.13 -14.63
N ASP B 249 -15.54 18.98 -15.28
CA ASP B 249 -16.71 18.08 -15.13
C ASP B 249 -16.93 17.64 -13.69
N ALA B 250 -15.84 17.43 -12.97
CA ALA B 250 -15.94 16.97 -11.57
C ALA B 250 -16.56 18.04 -10.66
N ILE B 251 -16.21 19.29 -10.92
CA ILE B 251 -16.77 20.44 -10.16
C ILE B 251 -18.22 20.68 -10.59
N ALA B 252 -18.44 20.64 -11.90
CA ALA B 252 -19.79 20.85 -12.48
C ALA B 252 -20.80 19.82 -11.99
N ALA B 253 -20.29 18.64 -11.64
CA ALA B 253 -21.13 17.54 -11.15
C ALA B 253 -21.95 17.91 -9.92
N VAL B 254 -21.44 18.82 -9.10
CA VAL B 254 -22.21 19.30 -7.91
C VAL B 254 -23.07 20.52 -8.18
N GLY B 255 -22.90 21.11 -9.36
CA GLY B 255 -23.75 22.19 -9.82
C GLY B 255 -23.03 23.23 -10.63
N GLN B 256 -23.66 23.62 -11.73
CA GLN B 256 -23.10 24.68 -12.57
C GLN B 256 -22.92 25.99 -11.82
N ASP B 257 -23.86 26.33 -10.95
CA ASP B 257 -23.75 27.60 -10.19
C ASP B 257 -22.53 27.59 -9.24
N VAL B 258 -22.29 26.44 -8.63
CA VAL B 258 -21.08 26.22 -7.81
C VAL B 258 -19.81 26.46 -8.61
N LEU B 259 -19.75 25.84 -9.78
CA LEU B 259 -18.61 26.00 -10.68
C LEU B 259 -18.38 27.47 -11.07
N ASP B 260 -19.47 28.14 -11.43
CA ASP B 260 -19.39 29.55 -11.85
C ASP B 260 -18.85 30.46 -10.73
N LYS B 261 -19.35 30.25 -9.53
CA LYS B 261 -18.89 30.99 -8.32
C LYS B 261 -17.41 30.72 -8.02
N PHE B 262 -17.03 29.44 -8.09
CA PHE B 262 -15.63 29.05 -7.87
C PHE B 262 -14.69 29.70 -8.90
N THR B 263 -15.07 29.63 -10.16
CA THR B 263 -14.31 30.31 -11.24
C THR B 263 -14.06 31.80 -10.94
N LYS B 264 -15.14 32.47 -10.58
CA LYS B 264 -15.11 33.92 -10.24
C LYS B 264 -14.17 34.17 -9.06
N ASP B 265 -14.28 33.33 -8.05
CA ASP B 265 -13.47 33.48 -6.81
C ASP B 265 -11.97 33.30 -7.11
N ILE B 266 -11.66 32.28 -7.90
CA ILE B 266 -10.26 31.98 -8.25
C ILE B 266 -9.63 33.10 -9.10
N LEU B 267 -10.37 33.53 -10.11
CA LEU B 267 -9.89 34.66 -10.96
C LEU B 267 -9.60 35.93 -10.12
N GLU B 268 -10.48 36.20 -9.18
CA GLU B 268 -10.36 37.38 -8.29
C GLU B 268 -9.11 37.32 -7.38
N ILE B 269 -8.86 36.14 -6.85
CA ILE B 269 -7.65 35.89 -6.03
C ILE B 269 -6.37 36.23 -6.79
N ALA B 270 -6.32 35.81 -8.05
CA ALA B 270 -5.11 36.01 -8.89
C ALA B 270 -4.84 37.48 -9.20
N GLU B 271 -5.88 38.29 -9.17
CA GLU B 271 -5.75 39.75 -9.27
C GLU B 271 -5.21 40.32 -7.96
C1 EDO C . 3.88 -36.27 -14.12
O1 EDO C . 4.68 -35.47 -15.00
C2 EDO C . 3.34 -35.40 -12.99
O2 EDO C . 1.96 -35.03 -13.16
MG MG D . 1.97 -14.53 9.72
MG MG E . 2.93 -16.21 6.72
MG MG F . 3.13 -20.99 4.63
CL CL G . -2.16 -13.00 -15.65
CL CL H . 24.30 -16.40 5.74
MG MG I . -7.11 13.86 -2.63
MG MG J . -3.10 5.18 -4.72
MG MG K . -20.89 -1.07 1.88
CL CL L . 4.06 -6.07 -14.48
CL CL M . -4.76 25.33 18.17
CL CL N . -22.91 16.55 -2.32
CL CL O . 7.88 31.88 8.29
#